data_1UEF
#
_entry.id   1UEF
#
_cell.length_a   45.482
_cell.length_b   55.720
_cell.length_c   99.126
_cell.angle_alpha   90.00
_cell.angle_beta   90.00
_cell.angle_gamma   90.00
#
_symmetry.space_group_name_H-M   'P 21 21 21'
#
loop_
_entity.id
_entity.type
_entity.pdbx_description
1 polymer 'Docking protein 1'
2 polymer '13-mer peptide from Proto-oncogene tyrosine-protein kinase receptor ret'
3 water water
#
loop_
_entity_poly.entity_id
_entity_poly.type
_entity_poly.pdbx_seq_one_letter_code
_entity_poly.pdbx_strand_id
1 'polypeptide(L)'
;GSHMGSQFWVTSQKTEASERCGLQGSYILRVEAEKLTLLTLGAQSQILEPLLFWPYTLLRRYGRDKVMFSFEAGRRCPSG
PGTFTFQTSQGNDIFQAVEAAIQQQKAQGKVGQAQDILRLEHHHHHH
;
A,B
2 'polypeptide(L)' STWIENKL(PTR)GMSD C,D
#
# COMPACT_ATOMS: atom_id res chain seq x y z
N MET A 4 -1.86 -5.99 3.82
CA MET A 4 -1.96 -4.87 2.82
C MET A 4 -2.52 -5.43 1.50
N GLY A 5 -1.61 -5.87 0.64
CA GLY A 5 -1.99 -6.43 -0.64
C GLY A 5 -1.76 -7.94 -0.68
N SER A 6 -2.04 -8.54 -1.84
CA SER A 6 -1.91 -9.98 -2.05
C SER A 6 -0.56 -10.55 -1.59
N GLN A 7 -0.59 -11.76 -1.07
CA GLN A 7 0.62 -12.39 -0.58
C GLN A 7 0.85 -13.77 -1.21
N PHE A 8 2.10 -14.11 -1.44
CA PHE A 8 2.42 -15.39 -2.05
C PHE A 8 3.62 -16.11 -1.42
N TRP A 9 3.55 -17.44 -1.33
CA TRP A 9 4.63 -18.23 -0.77
C TRP A 9 5.48 -18.68 -1.95
N VAL A 10 6.67 -18.08 -2.06
CA VAL A 10 7.58 -18.33 -3.17
C VAL A 10 8.94 -18.79 -2.73
N THR A 11 9.72 -19.36 -3.62
CA THR A 11 11.05 -19.83 -3.29
C THR A 11 12.05 -19.11 -4.14
N SER A 12 13.18 -18.71 -3.55
CA SER A 12 14.22 -18.01 -4.31
C SER A 12 15.04 -18.89 -5.24
N GLN A 13 15.22 -18.43 -6.46
CA GLN A 13 15.97 -19.17 -7.44
C GLN A 13 17.17 -18.29 -7.76
N LYS A 14 18.35 -18.82 -7.51
CA LYS A 14 19.59 -18.08 -7.63
C LYS A 14 19.91 -17.24 -8.86
N THR A 15 20.25 -15.99 -8.59
CA THR A 15 20.69 -15.02 -9.59
C THR A 15 21.78 -14.24 -8.86
N GLU A 16 22.45 -13.33 -9.56
CA GLU A 16 23.50 -12.57 -8.93
C GLU A 16 22.93 -11.65 -7.85
N ALA A 17 21.78 -11.04 -8.16
CA ALA A 17 21.14 -10.13 -7.25
C ALA A 17 20.73 -10.80 -5.97
N SER A 18 20.09 -11.97 -6.07
CA SER A 18 19.67 -12.65 -4.84
C SER A 18 20.88 -13.17 -4.01
N GLU A 19 21.97 -13.52 -4.68
CA GLU A 19 23.11 -13.96 -3.91
C GLU A 19 23.66 -12.77 -3.10
N ARG A 20 23.79 -11.61 -3.75
CA ARG A 20 24.28 -10.41 -3.10
C ARG A 20 23.46 -10.10 -1.82
N CYS A 21 22.14 -10.25 -1.91
CA CYS A 21 21.24 -9.99 -0.80
C CYS A 21 21.04 -11.20 0.12
N GLY A 22 21.79 -12.27 -0.14
CA GLY A 22 21.68 -13.45 0.69
C GLY A 22 20.38 -14.25 0.71
N LEU A 23 19.59 -14.20 -0.36
CA LEU A 23 18.33 -14.97 -0.37
C LEU A 23 18.58 -16.47 -0.48
N GLN A 24 17.86 -17.26 0.31
CA GLN A 24 18.11 -18.69 0.24
C GLN A 24 16.90 -19.58 -0.14
N GLY A 25 15.94 -19.75 0.76
CA GLY A 25 14.83 -20.61 0.41
C GLY A 25 13.50 -19.97 0.04
N SER A 26 12.49 -20.27 0.84
CA SER A 26 11.14 -19.77 0.63
C SER A 26 10.90 -18.50 1.40
N TYR A 27 10.02 -17.66 0.88
CA TYR A 27 9.70 -16.35 1.43
C TYR A 27 8.27 -15.96 1.10
N ILE A 28 7.83 -14.86 1.69
CA ILE A 28 6.54 -14.36 1.34
C ILE A 28 6.86 -13.19 0.40
N LEU A 29 6.14 -13.09 -0.71
CA LEU A 29 6.34 -11.96 -1.61
C LEU A 29 4.99 -11.24 -1.62
N ARG A 30 4.91 -10.00 -1.17
CA ARG A 30 3.57 -9.43 -1.24
C ARG A 30 3.50 -8.19 -2.12
N VAL A 31 2.41 -8.07 -2.88
CA VAL A 31 2.27 -6.92 -3.76
C VAL A 31 1.38 -5.94 -3.04
N GLU A 32 1.86 -4.70 -2.90
CA GLU A 32 1.20 -3.59 -2.20
C GLU A 32 0.89 -2.45 -3.15
N ALA A 33 0.41 -1.35 -2.60
CA ALA A 33 0.04 -0.22 -3.44
C ALA A 33 1.20 0.42 -4.20
N GLU A 34 2.35 0.59 -3.56
CA GLU A 34 3.51 1.20 -4.25
C GLU A 34 4.77 0.36 -4.34
N LYS A 35 4.73 -0.90 -3.91
CA LYS A 35 5.96 -1.68 -3.97
C LYS A 35 5.76 -3.16 -3.84
N LEU A 36 6.84 -3.92 -3.99
CA LEU A 36 6.82 -5.36 -3.76
C LEU A 36 7.64 -5.46 -2.50
N THR A 37 7.25 -6.35 -1.58
CA THR A 37 8.02 -6.54 -0.36
C THR A 37 8.35 -8.02 -0.12
N LEU A 38 9.55 -8.30 0.33
CA LEU A 38 9.93 -9.69 0.60
C LEU A 38 9.93 -9.88 2.11
N LEU A 39 9.18 -10.87 2.58
CA LEU A 39 9.11 -11.11 4.02
C LEU A 39 9.52 -12.53 4.30
N THR A 40 10.07 -12.72 5.48
CA THR A 40 10.49 -14.01 5.92
C THR A 40 9.81 -14.29 7.26
N LEU A 41 9.94 -15.53 7.72
CA LEU A 41 9.32 -15.97 8.96
C LEU A 41 10.33 -16.30 10.06
N GLY A 42 10.21 -15.53 11.15
CA GLY A 42 11.07 -15.70 12.33
C GLY A 42 10.88 -17.06 12.93
N ALA A 43 11.89 -17.51 13.69
CA ALA A 43 11.86 -18.83 14.32
C ALA A 43 10.53 -19.50 14.04
N GLN A 44 9.72 -19.66 15.08
CA GLN A 44 8.47 -20.31 14.83
C GLN A 44 7.28 -20.04 15.77
N SER A 45 6.35 -19.36 15.16
CA SER A 45 5.04 -18.96 15.64
C SER A 45 4.64 -18.69 14.22
N GLN A 46 5.66 -18.87 13.37
CA GLN A 46 5.59 -18.65 11.94
C GLN A 46 5.25 -17.15 11.91
N ILE A 47 6.10 -16.42 12.66
CA ILE A 47 6.11 -14.97 12.88
C ILE A 47 6.85 -14.23 11.75
N LEU A 48 6.38 -13.06 11.33
CA LEU A 48 7.03 -12.34 10.21
C LEU A 48 7.50 -10.87 10.39
N GLU A 49 8.34 -10.40 9.44
CA GLU A 49 8.89 -9.01 9.30
C GLU A 49 9.52 -8.81 7.89
N PRO A 50 9.61 -7.53 7.42
CA PRO A 50 10.15 -7.10 6.13
C PRO A 50 11.67 -7.18 5.90
N LEU A 51 12.03 -7.78 4.77
CA LEU A 51 13.41 -7.97 4.40
C LEU A 51 13.88 -6.99 3.31
N LEU A 52 13.12 -6.90 2.21
CA LEU A 52 13.46 -6.06 1.07
C LEU A 52 12.25 -5.36 0.49
N PHE A 53 12.48 -4.16 -0.08
CA PHE A 53 11.41 -3.37 -0.67
C PHE A 53 11.76 -3.05 -2.10
N TRP A 54 10.83 -3.30 -2.99
CA TRP A 54 11.09 -2.92 -4.35
C TRP A 54 10.02 -1.94 -4.76
N PRO A 55 10.24 -0.63 -4.54
CA PRO A 55 9.25 0.38 -4.92
C PRO A 55 8.98 0.19 -6.42
N TYR A 56 7.72 0.33 -6.86
CA TYR A 56 7.39 0.14 -8.30
C TYR A 56 8.06 1.10 -9.25
N THR A 57 8.27 2.35 -8.84
CA THR A 57 8.94 3.31 -9.70
C THR A 57 10.41 2.95 -9.84
N LEU A 58 10.82 1.86 -9.20
CA LEU A 58 12.21 1.42 -9.26
C LEU A 58 12.37 0.03 -9.87
N LEU A 59 11.26 -0.50 -10.42
CA LEU A 59 11.25 -1.81 -11.08
C LEU A 59 11.31 -1.56 -12.58
N ARG A 60 12.36 -2.06 -13.20
CA ARG A 60 12.52 -1.91 -14.63
C ARG A 60 11.48 -2.66 -15.42
N ARG A 61 11.30 -3.94 -15.10
CA ARG A 61 10.40 -4.80 -15.86
C ARG A 61 10.17 -6.06 -15.06
N TYR A 62 9.14 -6.82 -15.45
CA TYR A 62 8.82 -8.04 -14.75
C TYR A 62 8.07 -8.99 -15.68
N GLY A 63 8.20 -10.29 -15.44
CA GLY A 63 7.53 -11.28 -16.27
C GLY A 63 7.18 -12.52 -15.47
N ARG A 64 6.52 -13.49 -16.11
CA ARG A 64 6.15 -14.73 -15.41
C ARG A 64 5.75 -15.86 -16.36
N ASP A 65 5.59 -17.04 -15.79
CA ASP A 65 5.14 -18.21 -16.51
C ASP A 65 4.65 -19.17 -15.46
N LYS A 66 4.29 -20.38 -15.86
CA LYS A 66 3.77 -21.38 -14.94
C LYS A 66 4.79 -21.89 -13.96
N VAL A 67 6.02 -21.45 -14.11
CA VAL A 67 7.08 -21.90 -13.24
C VAL A 67 7.58 -20.83 -12.26
N MET A 68 7.54 -19.59 -12.69
CA MET A 68 8.03 -18.51 -11.84
C MET A 68 7.49 -17.11 -12.16
N PHE A 69 7.97 -16.17 -11.36
CA PHE A 69 7.69 -14.77 -11.49
C PHE A 69 9.05 -14.10 -11.34
N SER A 70 9.35 -13.12 -12.15
CA SER A 70 10.66 -12.48 -12.04
C SER A 70 10.51 -11.02 -12.21
N PHE A 71 11.56 -10.31 -11.87
CA PHE A 71 11.59 -8.89 -12.03
C PHE A 71 13.02 -8.39 -11.98
N GLU A 72 13.23 -7.21 -12.54
CA GLU A 72 14.56 -6.63 -12.58
C GLU A 72 14.46 -5.31 -11.81
N ALA A 73 15.21 -5.21 -10.74
CA ALA A 73 15.24 -4.03 -9.91
C ALA A 73 16.18 -2.97 -10.52
N GLY A 74 15.81 -1.72 -10.28
CA GLY A 74 16.62 -0.62 -10.76
C GLY A 74 17.74 -0.48 -9.74
N ARG A 75 18.72 0.37 -10.03
CA ARG A 75 19.84 0.48 -9.12
C ARG A 75 19.60 1.31 -7.86
N ARG A 76 18.43 1.93 -7.75
CA ARG A 76 18.10 2.73 -6.57
C ARG A 76 17.45 1.84 -5.47
N CYS A 77 17.20 0.59 -5.79
CA CYS A 77 16.61 -0.32 -4.84
C CYS A 77 17.57 -0.72 -3.74
N PRO A 78 17.05 -1.02 -2.55
CA PRO A 78 17.88 -1.44 -1.41
C PRO A 78 18.59 -2.73 -1.81
N SER A 79 17.93 -3.48 -2.69
CA SER A 79 18.42 -4.77 -3.19
C SER A 79 19.61 -4.59 -4.10
N GLY A 80 19.65 -3.46 -4.78
CA GLY A 80 20.69 -3.25 -5.75
C GLY A 80 20.02 -3.71 -7.04
N PRO A 81 20.56 -3.31 -8.20
CA PRO A 81 20.02 -3.67 -9.52
C PRO A 81 20.19 -5.14 -9.91
N GLY A 82 19.29 -5.63 -10.75
CA GLY A 82 19.45 -7.01 -11.14
C GLY A 82 18.16 -7.76 -11.14
N THR A 83 18.24 -9.05 -11.45
CA THR A 83 17.05 -9.88 -11.51
C THR A 83 16.83 -10.76 -10.28
N PHE A 84 15.56 -10.90 -9.91
CA PHE A 84 15.12 -11.74 -8.81
C PHE A 84 14.08 -12.66 -9.46
N THR A 85 14.31 -13.95 -9.30
CA THR A 85 13.44 -14.98 -9.83
C THR A 85 12.94 -15.79 -8.66
N PHE A 86 11.64 -16.08 -8.63
CA PHE A 86 11.07 -16.89 -7.55
C PHE A 86 10.25 -17.99 -8.15
N GLN A 87 10.61 -19.25 -7.88
CA GLN A 87 9.82 -20.35 -8.46
C GLN A 87 8.45 -20.31 -7.78
N THR A 88 7.39 -20.44 -8.57
CA THR A 88 6.04 -20.41 -8.00
C THR A 88 5.04 -20.85 -9.07
N SER A 89 3.96 -21.50 -8.65
CA SER A 89 2.96 -21.88 -9.66
C SER A 89 1.88 -20.79 -9.80
N GLN A 90 2.10 -19.62 -9.20
CA GLN A 90 1.11 -18.55 -9.35
C GLN A 90 1.76 -17.32 -9.94
N GLY A 91 2.81 -17.51 -10.73
CA GLY A 91 3.47 -16.38 -11.35
C GLY A 91 2.49 -15.41 -12.00
N ASN A 92 1.51 -15.93 -12.73
CA ASN A 92 0.51 -15.11 -13.40
C ASN A 92 -0.34 -14.25 -12.47
N ASP A 93 -0.78 -14.83 -11.34
CA ASP A 93 -1.59 -14.09 -10.39
C ASP A 93 -0.75 -12.95 -9.85
N ILE A 94 0.53 -13.24 -9.58
CA ILE A 94 1.47 -12.26 -9.06
C ILE A 94 1.62 -11.14 -10.09
N PHE A 95 1.68 -11.52 -11.36
CA PHE A 95 1.82 -10.58 -12.47
C PHE A 95 0.57 -9.70 -12.65
N GLN A 96 -0.62 -10.28 -12.50
CA GLN A 96 -1.83 -9.50 -12.61
C GLN A 96 -1.97 -8.59 -11.40
N ALA A 97 -1.56 -9.07 -10.23
CA ALA A 97 -1.61 -8.21 -9.08
C ALA A 97 -0.60 -7.05 -9.28
N VAL A 98 0.62 -7.33 -9.71
CA VAL A 98 1.55 -6.23 -9.86
C VAL A 98 1.13 -5.26 -10.92
N GLU A 99 0.74 -5.75 -12.09
CA GLU A 99 0.29 -4.89 -13.20
C GLU A 99 -0.89 -4.02 -12.80
N ALA A 100 -1.85 -4.62 -12.09
CA ALA A 100 -3.03 -3.91 -11.59
C ALA A 100 -2.62 -2.83 -10.63
N ALA A 101 -1.73 -3.12 -9.72
CA ALA A 101 -1.34 -2.08 -8.77
C ALA A 101 -0.54 -0.90 -9.39
N ILE A 102 0.23 -1.18 -10.44
CA ILE A 102 1.00 -0.11 -11.04
C ILE A 102 0.15 0.77 -11.91
N GLN A 103 -0.88 0.19 -12.54
CA GLN A 103 -1.75 0.99 -13.39
C GLN A 103 -2.59 1.96 -12.50
N GLN A 104 -2.84 1.54 -11.28
CA GLN A 104 -3.56 2.38 -10.35
C GLN A 104 -2.61 3.45 -9.81
N GLN A 105 -1.36 3.07 -9.54
CA GLN A 105 -0.42 4.04 -9.05
C GLN A 105 -0.14 5.09 -10.13
N LYS A 106 -0.11 4.63 -11.39
CA LYS A 106 0.17 5.52 -12.51
C LYS A 106 -1.04 6.44 -12.77
N ALA A 107 -2.24 5.93 -12.53
CA ALA A 107 -3.42 6.75 -12.76
C ALA A 107 -3.50 7.90 -11.73
N GLN A 108 -2.39 8.19 -11.04
CA GLN A 108 -2.37 9.26 -10.04
C GLN A 108 -1.49 10.44 -10.44
N GLY B 5 -3.41 -2.15 7.45
CA GLY B 5 -4.80 -2.21 6.92
C GLY B 5 -4.87 -2.20 5.40
N SER B 6 -6.05 -1.85 4.88
CA SER B 6 -6.25 -1.82 3.44
C SER B 6 -6.08 -0.41 2.91
N GLN B 7 -5.48 -0.30 1.74
CA GLN B 7 -5.19 0.99 1.13
C GLN B 7 -5.98 1.39 -0.10
N PHE B 8 -6.28 2.69 -0.16
CA PHE B 8 -7.05 3.27 -1.25
C PHE B 8 -6.32 4.50 -1.76
N TRP B 9 -6.25 4.68 -3.09
CA TRP B 9 -5.63 5.87 -3.64
C TRP B 9 -6.79 6.88 -3.67
N VAL B 10 -6.52 8.12 -3.25
CA VAL B 10 -7.53 9.15 -3.21
C VAL B 10 -6.96 10.47 -3.55
N THR B 11 -7.86 11.38 -3.87
CA THR B 11 -7.50 12.72 -4.28
C THR B 11 -8.15 13.74 -3.36
N SER B 12 -7.30 14.50 -2.68
CA SER B 12 -7.68 15.54 -1.74
C SER B 12 -8.62 16.57 -2.35
N GLN B 13 -9.81 16.71 -1.77
CA GLN B 13 -10.77 17.71 -2.26
C GLN B 13 -10.77 18.86 -1.22
N LYS B 14 -10.40 20.04 -1.68
CA LYS B 14 -10.29 21.24 -0.87
C LYS B 14 -11.37 21.51 0.22
N THR B 15 -10.89 21.72 1.44
CA THR B 15 -11.71 22.06 2.62
C THR B 15 -10.79 22.95 3.47
N GLU B 16 -11.31 23.59 4.51
CA GLU B 16 -10.45 24.46 5.28
C GLU B 16 -9.37 23.69 6.04
N ALA B 17 -9.74 22.55 6.61
CA ALA B 17 -8.73 21.78 7.31
C ALA B 17 -7.68 21.22 6.34
N SER B 18 -8.09 20.82 5.13
CA SER B 18 -7.14 20.26 4.19
C SER B 18 -6.14 21.31 3.73
N GLU B 19 -6.63 22.53 3.54
CA GLU B 19 -5.77 23.60 3.09
C GLU B 19 -4.76 24.00 4.17
N ARG B 20 -5.17 23.99 5.45
CA ARG B 20 -4.19 24.35 6.44
C ARG B 20 -3.14 23.26 6.60
N CYS B 21 -3.53 22.00 6.35
CA CYS B 21 -2.61 20.85 6.45
C CYS B 21 -1.76 20.63 5.20
N GLY B 22 -1.75 21.61 4.31
CA GLY B 22 -0.96 21.51 3.10
C GLY B 22 -1.32 20.40 2.14
N LEU B 23 -2.47 19.77 2.32
CA LEU B 23 -2.90 18.69 1.42
C LEU B 23 -3.29 19.08 -0.03
N GLN B 24 -2.90 18.25 -0.99
CA GLN B 24 -3.29 18.47 -2.39
C GLN B 24 -2.76 17.40 -3.30
N GLY B 25 -3.63 16.88 -4.17
CA GLY B 25 -3.24 15.81 -5.06
C GLY B 25 -3.60 14.42 -4.53
N SER B 26 -2.88 13.42 -5.04
CA SER B 26 -3.10 12.04 -4.64
C SER B 26 -2.39 11.59 -3.36
N TYR B 27 -3.01 10.60 -2.71
CA TYR B 27 -2.50 10.00 -1.50
C TYR B 27 -3.04 8.59 -1.40
N ILE B 28 -2.63 7.90 -0.32
CA ILE B 28 -3.10 6.58 0.06
C ILE B 28 -3.83 6.86 1.37
N LEU B 29 -5.07 6.39 1.49
CA LEU B 29 -5.80 6.57 2.74
C LEU B 29 -5.81 5.13 3.20
N ARG B 30 -5.30 4.89 4.39
CA ARG B 30 -5.21 3.53 4.94
C ARG B 30 -6.12 3.33 6.12
N VAL B 31 -6.91 2.26 6.08
CA VAL B 31 -7.87 1.92 7.15
C VAL B 31 -7.24 0.82 8.02
N GLU B 32 -6.73 1.24 9.18
CA GLU B 32 -6.06 0.31 10.08
C GLU B 32 -6.92 -0.08 11.27
N ALA B 33 -6.34 -0.97 12.08
CA ALA B 33 -6.99 -1.46 13.27
C ALA B 33 -7.66 -0.38 14.12
N GLU B 34 -6.93 0.67 14.45
CA GLU B 34 -7.45 1.71 15.33
C GLU B 34 -7.36 3.11 14.77
N LYS B 35 -7.10 3.26 13.49
CA LYS B 35 -7.00 4.61 12.97
C LYS B 35 -7.06 4.68 11.46
N LEU B 36 -7.02 5.92 10.99
CA LEU B 36 -7.00 6.23 9.59
C LEU B 36 -5.70 7.00 9.45
N THR B 37 -4.88 6.61 8.48
CA THR B 37 -3.64 7.32 8.25
C THR B 37 -3.58 7.70 6.78
N LEU B 38 -3.04 8.88 6.51
CA LEU B 38 -2.90 9.41 5.16
C LEU B 38 -1.45 9.29 4.77
N LEU B 39 -1.15 8.66 3.63
CA LEU B 39 0.22 8.50 3.22
C LEU B 39 0.58 9.09 1.86
N THR B 40 1.87 9.33 1.69
CA THR B 40 2.37 9.89 0.45
C THR B 40 3.70 9.18 0.11
N LEU B 41 4.22 9.42 -1.08
CA LEU B 41 5.45 8.77 -1.45
C LEU B 41 6.68 9.45 -0.85
N GLY B 42 7.63 8.68 -0.35
CA GLY B 42 8.83 9.32 0.17
C GLY B 42 9.59 9.76 -1.07
N ALA B 43 9.99 11.03 -1.13
CA ALA B 43 10.74 11.57 -2.28
C ALA B 43 11.85 10.59 -2.56
N GLN B 44 12.66 10.35 -1.56
CA GLN B 44 13.73 9.37 -1.65
C GLN B 44 13.08 8.26 -0.85
N SER B 45 13.24 7.02 -1.31
CA SER B 45 12.64 5.84 -0.68
C SER B 45 11.60 5.33 -1.67
N GLN B 46 10.78 6.24 -2.15
CA GLN B 46 9.74 5.89 -3.09
C GLN B 46 8.73 4.89 -2.50
N ILE B 47 8.61 4.87 -1.19
CA ILE B 47 7.58 4.04 -0.57
C ILE B 47 6.64 4.92 0.28
N LEU B 48 5.54 4.30 0.69
CA LEU B 48 4.53 4.96 1.49
C LEU B 48 5.08 5.42 2.85
N GLU B 49 4.84 6.69 3.19
CA GLU B 49 5.29 7.23 4.47
C GLU B 49 4.12 7.99 5.09
N PRO B 50 3.78 7.68 6.35
CA PRO B 50 2.67 8.33 7.05
C PRO B 50 2.76 9.84 7.01
N LEU B 51 1.62 10.48 6.84
CA LEU B 51 1.56 11.93 6.82
C LEU B 51 0.65 12.38 7.97
N LEU B 52 -0.53 11.77 8.07
CA LEU B 52 -1.47 12.13 9.12
C LEU B 52 -2.21 10.93 9.71
N PHE B 53 -2.51 11.03 11.01
CA PHE B 53 -3.23 9.98 11.73
C PHE B 53 -4.56 10.52 12.24
N TRP B 54 -5.55 9.64 12.34
CA TRP B 54 -6.87 9.99 12.88
C TRP B 54 -7.40 8.75 13.55
N PRO B 55 -7.23 8.66 14.86
CA PRO B 55 -7.73 7.51 15.61
C PRO B 55 -9.25 7.55 15.48
N TYR B 56 -9.90 6.40 15.50
CA TYR B 56 -11.33 6.34 15.37
C TYR B 56 -12.04 7.07 16.48
N THR B 57 -11.40 7.12 17.64
CA THR B 57 -11.96 7.79 18.82
C THR B 57 -12.02 9.31 18.72
N LEU B 58 -11.37 9.88 17.70
CA LEU B 58 -11.36 11.32 17.51
C LEU B 58 -12.06 11.81 16.25
N LEU B 59 -12.71 10.90 15.55
CA LEU B 59 -13.47 11.32 14.39
C LEU B 59 -14.89 11.49 14.94
N ARG B 60 -15.51 12.61 14.58
CA ARG B 60 -16.89 12.92 14.98
C ARG B 60 -17.86 12.13 14.11
N ARG B 61 -17.65 12.18 12.81
CA ARG B 61 -18.54 11.44 11.94
C ARG B 61 -17.82 11.20 10.61
N TYR B 62 -18.34 10.27 9.80
CA TYR B 62 -17.76 10.01 8.49
C TYR B 62 -18.88 9.58 7.54
N GLY B 63 -18.68 9.83 6.25
CA GLY B 63 -19.69 9.47 5.27
C GLY B 63 -19.12 9.19 3.90
N ARG B 64 -19.97 8.75 2.98
CA ARG B 64 -19.48 8.43 1.63
C ARG B 64 -20.57 8.25 0.56
N ASP B 65 -20.20 8.54 -0.68
CA ASP B 65 -21.07 8.30 -1.81
C ASP B 65 -20.22 7.77 -2.98
N LYS B 66 -20.82 7.61 -4.14
CA LYS B 66 -20.09 7.07 -5.26
C LYS B 66 -19.01 8.00 -5.82
N VAL B 67 -18.83 9.16 -5.20
CA VAL B 67 -17.87 10.13 -5.69
C VAL B 67 -16.81 10.49 -4.65
N MET B 68 -17.07 10.21 -3.39
CA MET B 68 -16.11 10.54 -2.34
C MET B 68 -16.25 9.85 -0.98
N PHE B 69 -15.26 10.11 -0.14
CA PHE B 69 -15.24 9.62 1.22
C PHE B 69 -14.79 10.84 2.03
N SER B 70 -15.50 11.17 3.08
CA SER B 70 -15.09 12.27 3.89
C SER B 70 -15.28 11.98 5.38
N PHE B 71 -14.63 12.76 6.22
CA PHE B 71 -14.79 12.55 7.61
C PHE B 71 -14.55 13.88 8.32
N GLU B 72 -15.05 14.00 9.53
CA GLU B 72 -14.88 15.23 10.29
C GLU B 72 -14.04 14.90 11.52
N ALA B 73 -12.80 15.37 11.50
CA ALA B 73 -11.89 15.11 12.61
C ALA B 73 -12.25 16.07 13.72
N GLY B 74 -12.23 15.58 14.96
CA GLY B 74 -12.51 16.45 16.09
C GLY B 74 -11.25 17.21 16.49
N ARG B 75 -11.33 18.04 17.53
CA ARG B 75 -10.17 18.85 17.99
C ARG B 75 -8.86 18.17 18.39
N ARG B 76 -8.92 17.02 19.03
CA ARG B 76 -7.70 16.39 19.52
C ARG B 76 -6.81 15.67 18.47
N CYS B 77 -7.23 15.77 17.21
CA CYS B 77 -6.49 15.18 16.09
C CYS B 77 -5.33 16.12 15.76
N PRO B 78 -4.19 15.56 15.33
CA PRO B 78 -2.97 16.31 14.95
C PRO B 78 -3.23 17.35 13.88
N SER B 79 -4.22 17.07 13.04
CA SER B 79 -4.57 17.97 11.94
C SER B 79 -5.49 19.14 12.33
N GLY B 80 -6.21 19.00 13.45
CA GLY B 80 -7.14 20.04 13.83
C GLY B 80 -8.53 19.56 13.39
N PRO B 81 -9.62 20.24 13.77
CA PRO B 81 -10.92 19.72 13.33
C PRO B 81 -11.32 20.21 11.95
N GLY B 82 -12.37 19.62 11.43
CA GLY B 82 -12.83 20.01 10.12
C GLY B 82 -13.19 18.80 9.33
N THR B 83 -13.61 19.06 8.11
CA THR B 83 -14.01 18.00 7.21
C THR B 83 -12.86 17.70 6.24
N PHE B 84 -12.53 16.42 6.08
CA PHE B 84 -11.51 16.01 5.12
C PHE B 84 -12.21 15.18 4.06
N THR B 85 -12.37 15.76 2.87
CA THR B 85 -13.03 15.13 1.73
C THR B 85 -12.05 14.59 0.73
N PHE B 86 -12.19 13.32 0.37
CA PHE B 86 -11.32 12.67 -0.62
C PHE B 86 -12.02 12.05 -1.85
N GLN B 87 -11.76 12.64 -2.99
CA GLN B 87 -12.31 12.12 -4.23
C GLN B 87 -11.83 10.67 -4.42
N THR B 88 -12.76 9.77 -4.73
CA THR B 88 -12.48 8.36 -4.95
C THR B 88 -13.79 7.69 -5.44
N SER B 89 -13.67 6.54 -6.08
CA SER B 89 -14.85 5.81 -6.52
C SER B 89 -15.10 4.62 -5.59
N GLN B 90 -14.31 4.56 -4.51
CA GLN B 90 -14.39 3.47 -3.58
C GLN B 90 -14.88 3.84 -2.18
N GLY B 91 -15.46 5.01 -2.04
CA GLY B 91 -15.95 5.48 -0.75
C GLY B 91 -16.68 4.45 0.05
N ASN B 92 -17.59 3.72 -0.60
CA ASN B 92 -18.33 2.72 0.11
C ASN B 92 -17.40 1.64 0.66
N ASP B 93 -16.37 1.26 -0.08
CA ASP B 93 -15.42 0.27 0.42
C ASP B 93 -14.60 0.82 1.60
N ILE B 94 -14.26 2.11 1.56
CA ILE B 94 -13.54 2.71 2.66
C ILE B 94 -14.49 2.83 3.85
N PHE B 95 -15.76 3.11 3.56
CA PHE B 95 -16.75 3.27 4.61
C PHE B 95 -16.92 1.95 5.34
N GLN B 96 -17.06 0.90 4.54
CA GLN B 96 -17.23 -0.42 5.10
C GLN B 96 -15.99 -0.94 5.80
N ALA B 97 -14.82 -0.54 5.35
CA ALA B 97 -13.60 -0.97 6.05
C ALA B 97 -13.47 -0.25 7.42
N VAL B 98 -13.80 1.05 7.46
CA VAL B 98 -13.69 1.78 8.73
C VAL B 98 -14.75 1.24 9.67
N GLU B 99 -15.94 1.01 9.12
CA GLU B 99 -17.08 0.47 9.85
C GLU B 99 -16.64 -0.75 10.67
N ALA B 100 -16.10 -1.74 9.98
CA ALA B 100 -15.63 -2.96 10.62
C ALA B 100 -14.50 -2.67 11.62
N ALA B 101 -13.48 -1.95 11.18
CA ALA B 101 -12.36 -1.64 12.07
C ALA B 101 -12.85 -1.07 13.40
N ILE B 102 -13.78 -0.12 13.36
CA ILE B 102 -14.32 0.47 14.59
C ILE B 102 -15.13 -0.60 15.34
N GLN B 103 -15.81 -1.45 14.57
CA GLN B 103 -16.60 -2.54 15.13
C GLN B 103 -15.70 -3.46 15.97
N GLN B 104 -14.54 -3.85 15.46
CA GLN B 104 -13.64 -4.73 16.19
C GLN B 104 -13.16 -4.21 17.52
N GLN B 105 -13.44 -2.94 17.80
CA GLN B 105 -13.09 -2.36 19.07
C GLN B 105 -14.05 -2.99 20.10
N LYS B 106 -14.45 -4.25 19.84
CA LYS B 106 -15.28 -5.04 20.75
C LYS B 106 -14.19 -5.87 21.46
N ALA B 107 -13.39 -5.16 22.24
CA ALA B 107 -12.28 -5.73 22.96
C ALA B 107 -11.96 -4.85 24.17
N THR C 2 5.91 -13.64 -21.43
CA THR C 2 6.53 -13.64 -20.09
C THR C 2 6.70 -12.24 -19.53
N TRP C 3 7.41 -11.38 -20.25
CA TRP C 3 7.72 -10.04 -19.74
C TRP C 3 7.05 -8.77 -20.26
N ILE C 4 7.13 -7.68 -19.49
CA ILE C 4 6.64 -6.39 -19.94
C ILE C 4 7.54 -5.33 -19.33
N GLU C 5 7.75 -4.23 -20.04
CA GLU C 5 8.56 -3.13 -19.53
C GLU C 5 7.61 -2.36 -18.62
N ASN C 6 8.14 -1.80 -17.55
CA ASN C 6 7.35 -1.04 -16.56
C ASN C 6 7.38 0.47 -16.82
N LYS C 7 6.42 0.98 -17.59
CA LYS C 7 6.37 2.42 -17.91
C LYS C 7 6.54 3.34 -16.69
N LEU C 8 6.03 2.89 -15.54
CA LEU C 8 6.07 3.65 -14.30
C LEU C 8 7.50 3.82 -13.76
N GLY C 10 10.93 5.24 -13.05
CA GLY C 10 11.61 6.51 -13.02
C GLY C 10 10.70 7.73 -12.94
N MET C 11 9.43 7.53 -12.61
CA MET C 11 8.49 8.66 -12.51
C MET C 11 8.18 9.07 -11.05
N THR D 2 -25.07 8.70 2.60
CA THR D 2 -23.73 9.22 3.01
C THR D 2 -23.20 9.08 4.46
N TRP D 3 -23.56 9.98 5.40
CA TRP D 3 -22.99 10.00 6.79
C TRP D 3 -23.60 9.26 7.95
N ILE D 4 -22.74 9.06 8.98
CA ILE D 4 -23.06 8.43 10.27
C ILE D 4 -22.21 9.09 11.38
N GLU D 5 -22.82 9.39 12.51
CA GLU D 5 -22.05 9.99 13.60
C GLU D 5 -21.36 8.82 14.26
N ASN D 6 -20.05 8.99 14.50
CA ASN D 6 -19.15 7.99 15.09
C ASN D 6 -19.27 7.82 16.60
N LYS D 7 -19.99 6.80 17.03
CA LYS D 7 -20.19 6.54 18.44
C LYS D 7 -18.96 6.21 19.29
N LEU D 8 -17.85 5.85 18.64
CA LEU D 8 -16.59 5.51 19.32
C LEU D 8 -15.86 6.81 19.64
#